data_9CBF
#
_entry.id   9CBF
#
_cell.length_a   80.411
_cell.length_b   80.411
_cell.length_c   236.953
_cell.angle_alpha   90.000
_cell.angle_beta   90.000
_cell.angle_gamma   120.000
#
_symmetry.space_group_name_H-M   'P 31 2 1'
#
loop_
_entity.id
_entity.type
_entity.pdbx_description
1 polymer 'Polyamine deacetylase HDAC10'
2 non-polymer 1,2-ETHANEDIOL
3 non-polymer 1-[3-(aminomethyl)phenyl]-2-sulfanylethan-1-one
4 non-polymer 'PHOSPHATE ION'
5 non-polymer 'POTASSIUM ION'
6 non-polymer 'ZINC ION'
7 water water
#
_entity_poly.entity_id   1
_entity_poly.type   'polypeptide(L)'
_entity_poly.pdbx_seq_one_letter_code
;AASGSALIFDEEMSRYKLLWTDPECEIEVPERLTVSYEALRTHGLAQRCKAVPVRQATEQEILLAHSEEYLEAVKQTPGM
NVEELMAFSKKYNAVYFHQNIYHCAKLAAGATLQLVDSVMKREVRNGMALVRPPGHHSQRSAANGFCVFNNVAFAALYAK
KNYNLNRILIVDWDVHHGQGIQYCFEEDPSVLYFSWHRYEHQSFWPNLPESDYSSVGKGKGSGFNINLPWNKVGMTNSDY
LAAFFHVLLPVAYEFDPELVIVSAGFDSAIGDPEGEMCALPEIFAHLTHLLMPLAAGKMCVVLEGGYNLTSLGQSVCQTV
HSLLGDPTPRISGLGTACDSALESIQNVRNVQSSYWSSFKHLAQSETNPKRPRLDATNGGPKESSEPASESNPKKTAQDI
VWPEPLKRMPASVRTVVVPPPGVELTLPKNCQHSGDISESTAKEVQRIRDKHFHDLTDQNILRSLGNIISVLDRMMRSDE
VCNGCVVVSDLSVSVQCALQHALTEPAERVLVVYVGDGELPVKTNDGKVFLVQICTKETEDKCVNRLTLCLREGESLTAG
FMQALLGLILPVAYEFNPALVLGIVEETAAKTRLMRVWGHMTCLIQGLARGRMLTLLQGYDKDLLELTVSALSGASISPL
GPLRAPKPEDVEMMEKQRQRLQERWGLLRCTVSESW
;
_entity_poly.pdbx_strand_id   A
#
loop_
_chem_comp.id
_chem_comp.type
_chem_comp.name
_chem_comp.formula
A1AVR non-polymer 1-[3-(aminomethyl)phenyl]-2-sulfanylethan-1-one 'C9 H11 N O S'
EDO non-polymer 1,2-ETHANEDIOL 'C2 H6 O2'
K non-polymer 'POTASSIUM ION' 'K 1'
PO4 non-polymer 'PHOSPHATE ION' 'O4 P -3'
ZN non-polymer 'ZINC ION' 'Zn 2'
#
# COMPACT_ATOMS: atom_id res chain seq x y z
N ALA A 1 8.85 -14.94 14.22
CA ALA A 1 8.56 -14.03 13.13
C ALA A 1 8.55 -14.76 11.79
N ALA A 2 7.47 -14.56 11.03
CA ALA A 2 7.34 -15.19 9.72
C ALA A 2 8.13 -14.42 8.67
N SER A 3 8.51 -15.13 7.60
CA SER A 3 9.25 -14.52 6.51
C SER A 3 8.83 -15.17 5.20
N GLY A 4 9.22 -14.55 4.11
CA GLY A 4 8.89 -15.05 2.78
C GLY A 4 7.45 -14.77 2.39
N SER A 5 7.20 -14.84 1.09
CA SER A 5 5.88 -14.62 0.53
C SER A 5 5.38 -15.91 -0.13
N ALA A 6 4.10 -16.21 0.06
CA ALA A 6 3.49 -17.38 -0.54
C ALA A 6 2.92 -17.04 -1.90
N LEU A 7 3.20 -17.88 -2.89
CA LEU A 7 2.63 -17.74 -4.23
C LEU A 7 1.85 -19.01 -4.55
N ILE A 8 0.53 -18.92 -4.50
CA ILE A 8 -0.36 -20.06 -4.72
C ILE A 8 -0.91 -19.93 -6.13
N PHE A 9 -0.55 -20.87 -7.00
CA PHE A 9 -1.00 -20.87 -8.38
C PHE A 9 -1.03 -22.30 -8.89
N ASP A 10 -2.00 -22.60 -9.75
CA ASP A 10 -2.10 -23.91 -10.38
C ASP A 10 -2.60 -23.73 -11.80
N GLU A 11 -1.97 -24.42 -12.75
CA GLU A 11 -2.35 -24.35 -14.15
C GLU A 11 -3.74 -24.91 -14.40
N GLU A 12 -4.32 -25.64 -13.45
CA GLU A 12 -5.65 -26.20 -13.64
C GLU A 12 -6.72 -25.12 -13.71
N MET A 13 -6.54 -24.02 -12.99
CA MET A 13 -7.48 -22.91 -13.08
C MET A 13 -7.43 -22.20 -14.43
N SER A 14 -6.52 -22.61 -15.32
CA SER A 14 -6.53 -22.19 -16.72
C SER A 14 -7.31 -23.14 -17.62
N ARG A 15 -7.82 -24.25 -17.07
CA ARG A 15 -8.49 -25.28 -17.85
C ARG A 15 -10.00 -25.07 -17.88
N TYR A 16 -10.43 -23.85 -18.19
CA TYR A 16 -11.83 -23.56 -18.47
C TYR A 16 -11.88 -22.24 -19.21
N LYS A 17 -12.78 -22.14 -20.19
CA LYS A 17 -12.87 -20.95 -21.02
C LYS A 17 -14.30 -20.80 -21.53
N LEU A 18 -14.55 -19.71 -22.24
CA LEU A 18 -15.86 -19.45 -22.83
C LEU A 18 -16.02 -20.26 -24.10
N LEU A 19 -17.18 -20.93 -24.24
CA LEU A 19 -17.42 -21.87 -25.32
C LEU A 19 -18.41 -21.34 -26.35
N TRP A 20 -18.77 -20.06 -26.29
CA TRP A 20 -19.69 -19.50 -27.26
C TRP A 20 -19.39 -18.01 -27.42
N THR A 21 -20.09 -17.38 -28.37
CA THR A 21 -19.88 -15.97 -28.65
C THR A 21 -20.54 -15.12 -27.57
N ASP A 22 -19.75 -14.35 -26.85
CA ASP A 22 -20.25 -13.46 -25.81
C ASP A 22 -19.27 -12.31 -25.67
N PRO A 23 -19.52 -11.20 -26.35
CA PRO A 23 -18.58 -10.06 -26.29
C PRO A 23 -18.40 -9.50 -24.90
N GLU A 24 -19.35 -9.74 -23.99
CA GLU A 24 -19.22 -9.23 -22.63
C GLU A 24 -18.19 -10.02 -21.83
N CYS A 25 -18.07 -11.32 -22.08
CA CYS A 25 -17.18 -12.18 -21.32
C CYS A 25 -15.92 -12.56 -22.08
N GLU A 26 -15.73 -12.05 -23.30
CA GLU A 26 -14.58 -12.46 -24.11
C GLU A 26 -13.25 -12.04 -23.49
N ILE A 27 -13.26 -11.08 -22.56
CA ILE A 27 -12.02 -10.60 -21.97
C ILE A 27 -11.48 -11.59 -20.94
N GLU A 28 -12.36 -12.32 -20.26
CA GLU A 28 -11.95 -13.23 -19.18
C GLU A 28 -11.47 -14.53 -19.81
N VAL A 29 -10.18 -14.62 -20.07
CA VAL A 29 -9.59 -15.76 -20.78
C VAL A 29 -8.63 -16.51 -19.86
N PRO A 30 -8.38 -17.79 -20.10
CA PRO A 30 -7.41 -18.52 -19.27
C PRO A 30 -5.99 -17.99 -19.38
N GLU A 31 -5.64 -17.33 -20.48
CA GLU A 31 -4.29 -16.79 -20.65
C GLU A 31 -3.96 -15.74 -19.60
N ARG A 32 -4.96 -15.22 -18.88
CA ARG A 32 -4.69 -14.25 -17.82
C ARG A 32 -3.79 -14.85 -16.74
N LEU A 33 -4.04 -16.11 -16.35
CA LEU A 33 -3.21 -16.75 -15.35
C LEU A 33 -1.83 -17.08 -15.89
N THR A 34 -1.77 -17.61 -17.11
CA THR A 34 -0.50 -18.04 -17.67
C THR A 34 0.45 -16.87 -17.87
N VAL A 35 -0.05 -15.77 -18.44
CA VAL A 35 0.78 -14.59 -18.65
C VAL A 35 1.27 -14.03 -17.31
N SER A 36 0.43 -14.13 -16.28
CA SER A 36 0.81 -13.62 -14.96
C SER A 36 1.95 -14.42 -14.37
N TYR A 37 1.82 -15.75 -14.32
CA TYR A 37 2.86 -16.58 -13.72
C TYR A 37 4.14 -16.54 -14.55
N GLU A 38 4.02 -16.60 -15.88
CA GLU A 38 5.19 -16.49 -16.73
C GLU A 38 5.91 -15.16 -16.55
N ALA A 39 5.14 -14.09 -16.27
CA ALA A 39 5.78 -12.81 -15.97
C ALA A 39 6.53 -12.87 -14.65
N LEU A 40 5.93 -13.51 -13.63
CA LEU A 40 6.62 -13.67 -12.36
C LEU A 40 7.83 -14.58 -12.49
N ARG A 41 7.79 -15.52 -13.45
CA ARG A 41 8.94 -16.39 -13.68
C ARG A 41 10.06 -15.66 -14.43
N THR A 42 9.70 -14.87 -15.45
CA THR A 42 10.71 -14.17 -16.24
C THR A 42 11.52 -13.19 -15.39
N HIS A 43 10.88 -12.57 -14.41
CA HIS A 43 11.56 -11.64 -13.51
C HIS A 43 12.09 -12.32 -12.25
N GLY A 44 12.01 -13.64 -12.18
CA GLY A 44 12.53 -14.39 -11.05
C GLY A 44 11.79 -14.20 -9.75
N LEU A 45 10.56 -13.67 -9.79
CA LEU A 45 9.82 -13.43 -8.55
C LEU A 45 9.16 -14.69 -8.02
N ALA A 46 8.61 -15.52 -8.92
CA ALA A 46 7.93 -16.74 -8.49
C ALA A 46 8.87 -17.69 -7.78
N GLN A 47 10.14 -17.74 -8.19
CA GLN A 47 11.09 -18.65 -7.56
C GLN A 47 11.42 -18.21 -6.13
N ARG A 48 11.32 -16.92 -5.84
CA ARG A 48 11.60 -16.41 -4.51
C ARG A 48 10.44 -16.56 -3.54
N CYS A 49 9.31 -17.10 -4.00
CA CYS A 49 8.13 -17.28 -3.17
C CYS A 49 7.94 -18.76 -2.83
N LYS A 50 7.28 -19.00 -1.70
CA LYS A 50 6.93 -20.36 -1.31
C LYS A 50 5.68 -20.79 -2.05
N ALA A 51 5.80 -21.83 -2.87
CA ALA A 51 4.69 -22.29 -3.71
C ALA A 51 3.80 -23.23 -2.90
N VAL A 52 2.92 -22.63 -2.13
CA VAL A 52 1.92 -23.41 -1.39
C VAL A 52 0.92 -24.01 -2.38
N PRO A 53 0.65 -25.31 -2.32
CA PRO A 53 -0.26 -25.91 -3.29
C PRO A 53 -1.70 -25.48 -3.07
N VAL A 54 -2.47 -25.48 -4.16
CA VAL A 54 -3.89 -25.18 -4.10
C VAL A 54 -4.63 -26.38 -3.53
N ARG A 55 -5.91 -26.20 -3.23
CA ARG A 55 -6.76 -27.29 -2.75
C ARG A 55 -8.20 -26.94 -3.08
N GLN A 56 -9.07 -27.93 -2.96
CA GLN A 56 -10.50 -27.70 -3.10
C GLN A 56 -11.08 -27.15 -1.80
N ALA A 57 -11.95 -26.16 -1.92
CA ALA A 57 -12.73 -25.73 -0.78
C ALA A 57 -13.81 -26.76 -0.49
N THR A 58 -13.99 -27.09 0.79
CA THR A 58 -14.98 -28.09 1.14
C THR A 58 -16.39 -27.51 1.01
N GLU A 59 -17.38 -28.40 1.12
CA GLU A 59 -18.77 -27.96 0.99
C GLU A 59 -19.15 -27.00 2.12
N GLN A 60 -18.70 -27.28 3.34
CA GLN A 60 -19.00 -26.41 4.46
C GLN A 60 -18.33 -25.06 4.31
N GLU A 61 -17.10 -25.04 3.78
CA GLU A 61 -16.40 -23.77 3.58
C GLU A 61 -17.10 -22.91 2.54
N ILE A 62 -17.63 -23.53 1.48
CA ILE A 62 -18.37 -22.78 0.47
C ILE A 62 -19.68 -22.27 1.05
N LEU A 63 -20.32 -23.05 1.93
CA LEU A 63 -21.56 -22.63 2.56
C LEU A 63 -21.36 -21.49 3.55
N LEU A 64 -20.11 -21.12 3.86
CA LEU A 64 -19.88 -19.95 4.69
C LEU A 64 -20.39 -18.68 4.04
N ALA A 65 -20.39 -18.63 2.70
CA ALA A 65 -20.79 -17.44 1.97
C ALA A 65 -21.84 -17.68 0.89
N HIS A 66 -22.31 -18.92 0.72
CA HIS A 66 -23.28 -19.22 -0.32
C HIS A 66 -24.32 -20.20 0.22
N SER A 67 -25.49 -20.18 -0.40
CA SER A 67 -26.61 -21.00 0.02
C SER A 67 -26.49 -22.40 -0.56
N GLU A 68 -27.19 -23.35 0.07
CA GLU A 68 -27.16 -24.73 -0.39
C GLU A 68 -27.82 -24.90 -1.76
N GLU A 69 -28.84 -24.10 -2.04
CA GLU A 69 -29.53 -24.20 -3.33
C GLU A 69 -28.63 -23.74 -4.47
N TYR A 70 -27.86 -22.67 -4.26
CA TYR A 70 -26.95 -22.19 -5.29
C TYR A 70 -25.75 -23.12 -5.44
N LEU A 71 -25.25 -23.67 -4.33
CA LEU A 71 -24.15 -24.62 -4.41
C LEU A 71 -24.55 -25.88 -5.16
N GLU A 72 -25.77 -26.37 -4.91
CA GLU A 72 -26.23 -27.58 -5.59
C GLU A 72 -26.40 -27.33 -7.09
N ALA A 73 -26.90 -26.15 -7.46
CA ALA A 73 -27.08 -25.84 -8.88
C ALA A 73 -25.73 -25.76 -9.60
N VAL A 74 -24.76 -25.10 -8.98
CA VAL A 74 -23.42 -25.03 -9.58
C VAL A 74 -22.78 -26.42 -9.59
N LYS A 75 -23.03 -27.22 -8.55
CA LYS A 75 -22.48 -28.57 -8.48
C LYS A 75 -22.94 -29.45 -9.62
N GLN A 76 -24.07 -29.13 -10.25
CA GLN A 76 -24.61 -29.92 -11.34
C GLN A 76 -24.07 -29.51 -12.71
N THR A 77 -23.34 -28.40 -12.80
CA THR A 77 -22.82 -27.91 -14.08
C THR A 77 -21.72 -28.78 -14.69
N PRO A 78 -20.87 -29.46 -13.90
CA PRO A 78 -19.89 -30.37 -14.53
C PRO A 78 -20.51 -31.45 -15.39
N GLY A 79 -21.80 -31.76 -15.23
CA GLY A 79 -22.45 -32.75 -16.06
C GLY A 79 -23.21 -32.21 -17.25
N MET A 80 -23.17 -30.90 -17.47
CA MET A 80 -23.93 -30.27 -18.55
C MET A 80 -23.11 -30.20 -19.83
N ASN A 81 -23.82 -30.25 -20.97
CA ASN A 81 -23.21 -30.02 -22.26
C ASN A 81 -23.26 -28.52 -22.58
N VAL A 82 -22.77 -28.16 -23.78
CA VAL A 82 -22.61 -26.75 -24.11
C VAL A 82 -23.97 -26.04 -24.16
N GLU A 83 -24.99 -26.72 -24.66
CA GLU A 83 -26.33 -26.11 -24.71
C GLU A 83 -26.86 -25.87 -23.30
N GLU A 84 -26.75 -26.87 -22.43
CA GLU A 84 -27.20 -26.71 -21.05
C GLU A 84 -26.34 -25.69 -20.30
N LEU A 85 -25.05 -25.65 -20.60
CA LEU A 85 -24.18 -24.66 -19.97
C LEU A 85 -24.54 -23.24 -20.39
N MET A 86 -24.89 -23.05 -21.66
CA MET A 86 -25.26 -21.73 -22.14
C MET A 86 -26.56 -21.26 -21.50
N ALA A 87 -27.54 -22.15 -21.38
CA ALA A 87 -28.80 -21.79 -20.72
C ALA A 87 -28.58 -21.48 -19.25
N PHE A 88 -27.75 -22.28 -18.58
CA PHE A 88 -27.45 -22.01 -17.17
C PHE A 88 -26.73 -20.68 -17.01
N SER A 89 -25.79 -20.37 -17.91
CA SER A 89 -25.11 -19.08 -17.85
C SER A 89 -26.05 -17.92 -18.13
N LYS A 90 -27.05 -18.13 -19.00
CA LYS A 90 -28.01 -17.07 -19.29
C LYS A 90 -28.88 -16.71 -18.10
N LYS A 91 -28.99 -17.61 -17.11
CA LYS A 91 -29.77 -17.32 -15.91
C LYS A 91 -29.15 -16.22 -15.07
N TYR A 92 -27.86 -15.95 -15.24
CA TYR A 92 -27.15 -14.94 -14.46
C TYR A 92 -26.66 -13.83 -15.39
N ASN A 93 -25.99 -12.85 -14.80
CA ASN A 93 -25.55 -11.65 -15.51
C ASN A 93 -24.04 -11.63 -15.63
N ALA A 94 -23.55 -11.50 -16.86
CA ALA A 94 -22.12 -11.28 -17.15
C ALA A 94 -21.26 -12.42 -16.60
N VAL A 95 -21.68 -13.65 -16.88
CA VAL A 95 -20.91 -14.82 -16.45
C VAL A 95 -21.23 -15.97 -17.40
N TYR A 96 -20.22 -16.80 -17.65
CA TYR A 96 -20.36 -18.01 -18.44
C TYR A 96 -19.95 -19.20 -17.60
N PHE A 97 -20.34 -20.39 -18.05
CA PHE A 97 -20.03 -21.62 -17.34
C PHE A 97 -19.29 -22.59 -18.26
N HIS A 98 -18.75 -23.63 -17.64
CA HIS A 98 -17.87 -24.57 -18.32
C HIS A 98 -17.91 -25.87 -17.53
N GLN A 99 -17.62 -26.99 -18.22
CA GLN A 99 -17.63 -28.28 -17.56
C GLN A 99 -16.68 -28.32 -16.36
N ASN A 100 -15.60 -27.55 -16.41
CA ASN A 100 -14.55 -27.57 -15.41
C ASN A 100 -14.59 -26.36 -14.48
N ILE A 101 -15.57 -25.46 -14.62
CA ILE A 101 -15.52 -24.22 -13.87
C ILE A 101 -15.88 -24.44 -12.41
N TYR A 102 -16.76 -25.39 -12.10
CA TYR A 102 -17.05 -25.71 -10.70
C TYR A 102 -15.82 -26.24 -10.00
N HIS A 103 -15.09 -27.13 -10.66
CA HIS A 103 -13.81 -27.61 -10.14
C HIS A 103 -12.85 -26.45 -9.93
N CYS A 104 -12.69 -25.59 -10.95
CA CYS A 104 -11.76 -24.47 -10.85
C CYS A 104 -12.22 -23.45 -9.81
N ALA A 105 -13.54 -23.27 -9.65
CA ALA A 105 -14.03 -22.35 -8.63
C ALA A 105 -13.68 -22.85 -7.24
N LYS A 106 -13.85 -24.15 -6.98
CA LYS A 106 -13.42 -24.72 -5.71
C LYS A 106 -11.92 -24.61 -5.52
N LEU A 107 -11.16 -24.67 -6.62
CA LEU A 107 -9.71 -24.50 -6.52
C LEU A 107 -9.35 -23.05 -6.21
N ALA A 108 -10.05 -22.09 -6.83
CA ALA A 108 -9.79 -20.69 -6.53
C ALA A 108 -10.11 -20.35 -5.09
N ALA A 109 -11.21 -20.90 -4.57
CA ALA A 109 -11.58 -20.65 -3.18
C ALA A 109 -10.60 -21.33 -2.23
N GLY A 110 -10.29 -22.61 -2.48
CA GLY A 110 -9.33 -23.31 -1.63
C GLY A 110 -7.96 -22.68 -1.67
N ALA A 111 -7.51 -22.24 -2.85
CA ALA A 111 -6.24 -21.53 -2.95
C ALA A 111 -6.22 -20.29 -2.07
N THR A 112 -7.34 -19.57 -2.02
CA THR A 112 -7.42 -18.41 -1.14
C THR A 112 -7.35 -18.84 0.33
N LEU A 113 -8.07 -19.91 0.68
CA LEU A 113 -8.02 -20.40 2.06
C LEU A 113 -6.63 -20.90 2.42
N GLN A 114 -5.93 -21.50 1.45
CA GLN A 114 -4.54 -21.91 1.67
C GLN A 114 -3.66 -20.70 1.95
N LEU A 115 -3.90 -19.59 1.24
CA LEU A 115 -3.14 -18.37 1.49
C LEU A 115 -3.43 -17.82 2.88
N VAL A 116 -4.70 -17.79 3.28
CA VAL A 116 -5.06 -17.30 4.61
C VAL A 116 -4.41 -18.18 5.68
N ASP A 117 -4.52 -19.50 5.52
CA ASP A 117 -3.90 -20.41 6.48
C ASP A 117 -2.40 -20.20 6.55
N SER A 118 -1.75 -19.98 5.40
CA SER A 118 -0.30 -19.78 5.40
C SER A 118 0.09 -18.52 6.15
N VAL A 119 -0.62 -17.42 5.93
CA VAL A 119 -0.28 -16.16 6.57
C VAL A 119 -0.63 -16.19 8.06
N MET A 120 -1.83 -16.69 8.38
CA MET A 120 -2.28 -16.67 9.77
C MET A 120 -1.50 -17.65 10.63
N LYS A 121 -1.06 -18.78 10.08
CA LYS A 121 -0.21 -19.71 10.81
C LYS A 121 1.24 -19.25 10.88
N ARG A 122 1.54 -18.04 10.41
CA ARG A 122 2.89 -17.45 10.44
C ARG A 122 3.88 -18.31 9.66
N GLU A 123 3.40 -19.05 8.67
CA GLU A 123 4.30 -19.76 7.75
C GLU A 123 4.88 -18.84 6.70
N VAL A 124 4.19 -17.73 6.39
CA VAL A 124 4.68 -16.69 5.49
C VAL A 124 4.29 -15.35 6.07
N ARG A 125 5.02 -14.31 5.65
CA ARG A 125 4.68 -12.94 6.06
C ARG A 125 3.44 -12.44 5.33
N ASN A 126 3.43 -12.60 4.00
CA ASN A 126 2.30 -12.22 3.17
C ASN A 126 2.20 -13.24 2.04
N GLY A 127 1.39 -12.95 1.03
CA GLY A 127 1.30 -13.84 -0.10
C GLY A 127 0.24 -13.40 -1.08
N MET A 128 0.33 -13.97 -2.29
CA MET A 128 -0.64 -13.73 -3.36
C MET A 128 -1.15 -15.05 -3.90
N ALA A 129 -2.44 -15.08 -4.23
CA ALA A 129 -3.09 -16.24 -4.83
C ALA A 129 -3.54 -15.87 -6.24
N LEU A 130 -2.81 -16.33 -7.25
CA LEU A 130 -3.21 -16.17 -8.64
C LEU A 130 -4.29 -17.20 -8.93
N VAL A 131 -5.55 -16.78 -8.85
CA VAL A 131 -6.69 -17.69 -8.94
C VAL A 131 -7.57 -17.29 -10.11
N ARG A 132 -8.48 -18.20 -10.48
CA ARG A 132 -9.45 -18.02 -11.54
C ARG A 132 -10.52 -19.09 -11.36
N PRO A 133 -11.81 -18.73 -11.35
CA PRO A 133 -12.39 -17.40 -11.61
C PRO A 133 -12.21 -16.42 -10.47
N PRO A 134 -12.39 -15.12 -10.73
CA PRO A 134 -12.43 -14.14 -9.64
C PRO A 134 -13.67 -14.33 -8.76
N GLY A 135 -13.84 -13.50 -7.74
CA GLY A 135 -14.91 -13.76 -6.80
C GLY A 135 -15.74 -12.58 -6.32
N HIS A 136 -15.18 -11.38 -6.36
CA HIS A 136 -15.77 -10.27 -5.61
C HIS A 136 -17.17 -9.87 -6.10
N HIS A 137 -17.61 -10.34 -7.26
CA HIS A 137 -18.97 -10.04 -7.71
C HIS A 137 -19.98 -11.12 -7.33
N SER A 138 -19.53 -12.36 -7.18
CA SER A 138 -20.46 -13.44 -6.85
C SER A 138 -21.09 -13.19 -5.49
N GLN A 139 -22.35 -13.59 -5.37
CA GLN A 139 -23.16 -13.33 -4.19
C GLN A 139 -23.64 -14.65 -3.60
N ARG A 140 -24.43 -14.55 -2.52
CA ARG A 140 -24.80 -15.74 -1.75
C ARG A 140 -25.51 -16.78 -2.61
N SER A 141 -26.37 -16.33 -3.52
CA SER A 141 -27.15 -17.27 -4.34
C SER A 141 -27.10 -16.90 -5.82
N ALA A 142 -25.98 -16.37 -6.29
CA ALA A 142 -25.89 -15.98 -7.69
C ALA A 142 -24.43 -15.89 -8.12
N ALA A 143 -24.18 -16.32 -9.35
CA ALA A 143 -22.93 -16.02 -10.04
C ALA A 143 -23.09 -14.69 -10.77
N ASN A 144 -22.02 -13.90 -10.82
CA ASN A 144 -22.12 -12.56 -11.33
C ASN A 144 -20.73 -12.04 -11.70
N GLY A 145 -20.65 -11.31 -12.80
CA GLY A 145 -19.43 -10.65 -13.22
C GLY A 145 -18.20 -11.54 -13.27
N PHE A 146 -18.27 -12.61 -14.06
CA PHE A 146 -17.21 -13.61 -14.25
C PHE A 146 -16.95 -14.44 -13.01
N CYS A 147 -17.69 -14.24 -11.92
CA CYS A 147 -17.39 -14.87 -10.64
C CYS A 147 -18.42 -15.96 -10.33
N VAL A 148 -17.93 -17.07 -9.80
CA VAL A 148 -18.75 -18.19 -9.35
C VAL A 148 -18.89 -18.17 -7.83
N PHE A 149 -17.76 -18.18 -7.12
CA PHE A 149 -17.73 -18.13 -5.67
C PHE A 149 -16.87 -16.94 -5.23
N ASN A 150 -17.25 -16.32 -4.12
CA ASN A 150 -16.56 -15.11 -3.65
C ASN A 150 -15.36 -15.53 -2.82
N ASN A 151 -14.19 -15.60 -3.48
CA ASN A 151 -13.00 -16.12 -2.82
C ASN A 151 -12.54 -15.22 -1.67
N VAL A 152 -12.70 -13.91 -1.82
CA VAL A 152 -12.24 -12.99 -0.78
C VAL A 152 -13.20 -12.99 0.41
N ALA A 153 -14.52 -13.00 0.13
CA ALA A 153 -15.48 -13.17 1.21
C ALA A 153 -15.27 -14.49 1.93
N PHE A 154 -14.85 -15.53 1.21
CA PHE A 154 -14.44 -16.77 1.85
C PHE A 154 -13.29 -16.52 2.82
N ALA A 155 -12.25 -15.82 2.35
CA ALA A 155 -11.06 -15.61 3.17
C ALA A 155 -11.40 -14.91 4.49
N ALA A 156 -12.27 -13.90 4.44
CA ALA A 156 -12.61 -13.15 5.64
C ALA A 156 -13.42 -14.00 6.61
N LEU A 157 -14.46 -14.68 6.10
CA LEU A 157 -15.27 -15.54 6.97
C LEU A 157 -14.46 -16.71 7.49
N TYR A 158 -13.55 -17.24 6.67
CA TYR A 158 -12.67 -18.32 7.12
C TYR A 158 -11.73 -17.83 8.22
N ALA A 159 -11.18 -16.63 8.07
CA ALA A 159 -10.29 -16.08 9.09
C ALA A 159 -11.03 -15.78 10.38
N LYS A 160 -12.27 -15.29 10.28
CA LYS A 160 -13.06 -15.03 11.48
C LYS A 160 -13.40 -16.33 12.20
N LYS A 161 -13.79 -17.37 11.46
CA LYS A 161 -14.22 -18.61 12.08
C LYS A 161 -13.05 -19.37 12.68
N ASN A 162 -11.95 -19.49 11.95
CA ASN A 162 -10.84 -20.36 12.31
C ASN A 162 -9.68 -19.65 12.98
N TYR A 163 -9.78 -18.33 13.20
CA TYR A 163 -8.72 -17.62 13.89
C TYR A 163 -9.23 -16.55 14.85
N ASN A 164 -10.55 -16.44 15.05
CA ASN A 164 -11.13 -15.52 16.03
C ASN A 164 -10.71 -14.08 15.78
N LEU A 165 -10.71 -13.68 14.50
CA LEU A 165 -10.34 -12.33 14.13
C LEU A 165 -11.52 -11.38 14.32
N ASN A 166 -11.28 -10.29 15.05
CA ASN A 166 -12.31 -9.30 15.30
C ASN A 166 -12.33 -8.17 14.28
N ARG A 167 -11.22 -7.97 13.56
CA ARG A 167 -11.11 -6.87 12.61
C ARG A 167 -10.33 -7.33 11.39
N ILE A 168 -10.98 -7.30 10.23
CA ILE A 168 -10.34 -7.62 8.95
C ILE A 168 -10.61 -6.48 7.99
N LEU A 169 -9.60 -6.12 7.20
CA LEU A 169 -9.72 -5.07 6.19
C LEU A 169 -9.64 -5.70 4.80
N ILE A 170 -10.65 -5.46 3.99
CA ILE A 170 -10.68 -5.90 2.60
C ILE A 170 -10.51 -4.68 1.71
N VAL A 171 -9.49 -4.68 0.88
CA VAL A 171 -9.20 -3.59 -0.05
C VAL A 171 -9.40 -4.12 -1.46
N ASP A 172 -10.46 -3.64 -2.12
CA ASP A 172 -10.81 -4.06 -3.48
C ASP A 172 -10.41 -2.93 -4.42
N TRP A 173 -9.23 -3.06 -5.04
CA TRP A 173 -8.80 -2.08 -6.03
C TRP A 173 -9.07 -2.55 -7.47
N ASP A 174 -9.93 -3.54 -7.64
CA ASP A 174 -10.44 -3.85 -8.97
C ASP A 174 -11.29 -2.68 -9.45
N VAL A 175 -11.23 -2.41 -10.76
CA VAL A 175 -11.94 -1.27 -11.31
C VAL A 175 -13.46 -1.43 -11.24
N HIS A 176 -13.94 -2.65 -10.98
CA HIS A 176 -15.35 -2.88 -10.75
C HIS A 176 -15.64 -2.94 -9.26
N HIS A 177 -16.90 -2.71 -8.91
CA HIS A 177 -17.33 -2.68 -7.52
C HIS A 177 -17.73 -4.10 -7.08
N GLY A 178 -16.99 -4.66 -6.14
CA GLY A 178 -17.31 -5.96 -5.61
C GLY A 178 -18.58 -5.94 -4.79
N GLN A 179 -19.73 -5.90 -5.46
CA GLN A 179 -21.01 -5.83 -4.73
C GLN A 179 -21.27 -7.09 -3.94
N GLY A 180 -20.71 -8.23 -4.36
CA GLY A 180 -20.87 -9.45 -3.58
C GLY A 180 -20.21 -9.36 -2.22
N ILE A 181 -19.03 -8.76 -2.15
CA ILE A 181 -18.36 -8.59 -0.86
C ILE A 181 -19.12 -7.60 0.00
N GLN A 182 -19.58 -6.49 -0.58
CA GLN A 182 -20.34 -5.52 0.18
C GLN A 182 -21.60 -6.14 0.76
N TYR A 183 -22.36 -6.86 -0.07
CA TYR A 183 -23.56 -7.54 0.42
C TYR A 183 -23.23 -8.48 1.56
N CYS A 184 -22.10 -9.19 1.46
CA CYS A 184 -21.76 -10.19 2.47
C CYS A 184 -21.50 -9.56 3.83
N PHE A 185 -20.76 -8.44 3.85
CA PHE A 185 -20.39 -7.78 5.10
C PHE A 185 -21.06 -6.42 5.26
N GLU A 186 -22.27 -6.28 4.71
CA GLU A 186 -22.99 -5.01 4.83
C GLU A 186 -23.28 -4.67 6.28
N GLU A 187 -23.78 -5.64 7.05
CA GLU A 187 -24.09 -5.44 8.46
C GLU A 187 -22.96 -5.87 9.38
N ASP A 188 -21.80 -6.23 8.84
CA ASP A 188 -20.71 -6.77 9.64
C ASP A 188 -19.69 -5.69 9.91
N PRO A 189 -19.55 -5.19 11.15
CA PRO A 189 -18.52 -4.20 11.45
C PRO A 189 -17.13 -4.80 11.66
N SER A 190 -17.00 -6.13 11.64
CA SER A 190 -15.71 -6.76 11.82
C SER A 190 -14.91 -6.84 10.53
N VAL A 191 -15.56 -6.65 9.39
CA VAL A 191 -14.90 -6.74 8.08
C VAL A 191 -15.12 -5.41 7.37
N LEU A 192 -14.16 -4.51 7.49
CA LEU A 192 -14.22 -3.23 6.81
C LEU A 192 -13.86 -3.41 5.34
N TYR A 193 -14.79 -3.09 4.46
CA TYR A 193 -14.63 -3.27 3.02
C TYR A 193 -14.47 -1.92 2.35
N PHE A 194 -13.35 -1.72 1.66
CA PHE A 194 -13.12 -0.54 0.84
C PHE A 194 -13.08 -0.95 -0.62
N SER A 195 -13.58 -0.06 -1.48
CA SER A 195 -13.63 -0.35 -2.91
C SER A 195 -13.72 0.95 -3.69
N TRP A 196 -12.71 1.22 -4.51
CA TRP A 196 -12.87 2.20 -5.57
C TRP A 196 -13.27 1.47 -6.85
N HIS A 197 -13.99 2.16 -7.72
CA HIS A 197 -14.52 1.49 -8.90
C HIS A 197 -14.99 2.52 -9.91
N ARG A 198 -14.78 2.20 -11.18
CA ARG A 198 -15.37 2.99 -12.25
C ARG A 198 -16.88 2.97 -12.12
N TYR A 199 -17.47 4.15 -11.94
CA TYR A 199 -18.90 4.28 -11.70
C TYR A 199 -19.59 5.11 -12.77
N GLU A 200 -19.02 6.25 -13.14
CA GLU A 200 -19.57 7.13 -14.16
C GLU A 200 -21.04 7.45 -13.89
N HIS A 201 -21.31 7.83 -12.63
CA HIS A 201 -22.66 8.21 -12.20
C HIS A 201 -23.66 7.09 -12.46
N GLN A 202 -23.26 5.87 -12.10
CA GLN A 202 -24.05 4.62 -12.14
C GLN A 202 -24.21 4.08 -13.56
N SER A 203 -23.62 4.69 -14.58
CA SER A 203 -23.78 4.21 -15.94
C SER A 203 -22.91 3.01 -16.27
N PHE A 204 -21.91 2.70 -15.43
CA PHE A 204 -21.00 1.60 -15.69
C PHE A 204 -21.41 0.38 -14.87
N TRP A 205 -21.09 -0.80 -15.41
CA TRP A 205 -21.48 -2.06 -14.78
C TRP A 205 -20.86 -2.14 -13.38
N PRO A 206 -21.61 -2.65 -12.38
CA PRO A 206 -22.94 -3.26 -12.44
C PRO A 206 -24.14 -2.31 -12.32
N ASN A 207 -23.95 -1.00 -12.45
CA ASN A 207 -25.05 -0.03 -12.47
C ASN A 207 -25.93 -0.14 -11.22
N LEU A 208 -25.29 -0.03 -10.05
CA LEU A 208 -26.00 -0.17 -8.79
C LEU A 208 -25.97 1.14 -8.02
N PRO A 209 -27.11 1.63 -7.54
CA PRO A 209 -27.08 2.82 -6.66
C PRO A 209 -26.29 2.59 -5.39
N GLU A 210 -26.31 1.36 -4.85
CA GLU A 210 -25.55 1.05 -3.64
C GLU A 210 -24.05 0.92 -3.90
N SER A 211 -23.59 1.16 -5.13
CA SER A 211 -22.17 1.26 -5.40
C SER A 211 -21.65 2.69 -5.22
N ASP A 212 -22.54 3.64 -4.99
CA ASP A 212 -22.19 5.03 -4.79
C ASP A 212 -21.59 5.23 -3.40
N TYR A 213 -21.08 6.46 -3.16
CA TYR A 213 -20.47 6.77 -1.87
C TYR A 213 -21.46 6.75 -0.72
N SER A 214 -22.76 6.79 -1.02
CA SER A 214 -23.77 6.86 0.03
C SER A 214 -23.96 5.53 0.76
N SER A 215 -23.47 4.43 0.22
CA SER A 215 -23.58 3.13 0.87
C SER A 215 -22.45 3.00 1.89
N VAL A 216 -22.75 3.28 3.16
CA VAL A 216 -21.78 3.20 4.24
C VAL A 216 -21.96 1.95 5.09
N GLY A 217 -22.91 1.10 4.75
CA GLY A 217 -23.26 -0.05 5.56
C GLY A 217 -24.65 0.08 6.16
N LYS A 218 -25.13 -1.04 6.71
CA LYS A 218 -26.46 -1.11 7.29
C LYS A 218 -26.38 -1.66 8.70
N GLY A 219 -27.16 -1.06 9.60
CA GLY A 219 -27.23 -1.56 10.96
C GLY A 219 -25.93 -1.34 11.72
N LYS A 220 -25.47 -2.38 12.41
CA LYS A 220 -24.23 -2.29 13.18
C LYS A 220 -23.00 -2.17 12.29
N GLY A 221 -23.14 -2.34 10.98
CA GLY A 221 -22.04 -2.18 10.04
C GLY A 221 -21.94 -0.82 9.39
N SER A 222 -22.69 0.16 9.89
CA SER A 222 -22.62 1.51 9.33
C SER A 222 -21.23 2.10 9.52
N GLY A 223 -20.62 2.51 8.42
CA GLY A 223 -19.28 3.05 8.43
C GLY A 223 -18.18 2.05 8.09
N PHE A 224 -18.53 0.78 7.91
CA PHE A 224 -17.56 -0.26 7.60
C PHE A 224 -17.68 -0.75 6.16
N ASN A 225 -18.35 0.04 5.31
CA ASN A 225 -18.36 -0.18 3.87
C ASN A 225 -18.11 1.16 3.20
N ILE A 226 -16.98 1.28 2.50
CA ILE A 226 -16.54 2.54 1.93
C ILE A 226 -16.41 2.35 0.42
N ASN A 227 -17.24 3.06 -0.34
CA ASN A 227 -17.21 3.04 -1.79
C ASN A 227 -16.69 4.36 -2.32
N LEU A 228 -15.68 4.31 -3.17
CA LEU A 228 -15.15 5.50 -3.84
C LEU A 228 -15.47 5.42 -5.33
N PRO A 229 -16.55 6.05 -5.79
CA PRO A 229 -16.94 5.93 -7.20
C PRO A 229 -16.15 6.88 -8.09
N TRP A 230 -15.38 6.31 -9.02
CA TRP A 230 -14.81 7.12 -10.10
C TRP A 230 -15.92 7.45 -11.09
N ASN A 231 -16.17 8.74 -11.30
CA ASN A 231 -17.21 9.19 -12.22
C ASN A 231 -16.65 9.65 -13.56
N LYS A 232 -15.34 9.51 -13.76
CA LYS A 232 -14.71 9.76 -15.05
C LYS A 232 -13.59 8.74 -15.25
N VAL A 233 -13.39 8.34 -16.50
CA VAL A 233 -12.31 7.41 -16.83
C VAL A 233 -10.99 8.19 -16.84
N GLY A 234 -9.89 7.48 -17.01
CA GLY A 234 -8.59 8.12 -17.08
C GLY A 234 -8.00 8.52 -15.76
N MET A 235 -8.44 7.92 -14.65
CA MET A 235 -7.85 8.21 -13.36
C MET A 235 -6.39 7.78 -13.34
N THR A 236 -5.54 8.63 -12.79
CA THR A 236 -4.09 8.50 -12.88
C THR A 236 -3.52 8.01 -11.55
N ASN A 237 -2.18 8.01 -11.47
CA ASN A 237 -1.50 7.65 -10.23
C ASN A 237 -1.85 8.64 -9.12
N SER A 238 -1.97 9.92 -9.46
CA SER A 238 -2.31 10.93 -8.46
C SER A 238 -3.71 10.69 -7.89
N ASP A 239 -4.64 10.26 -8.74
CA ASP A 239 -5.98 9.97 -8.26
C ASP A 239 -5.99 8.79 -7.30
N TYR A 240 -5.23 7.74 -7.62
CA TYR A 240 -5.20 6.55 -6.77
C TYR A 240 -4.52 6.86 -5.43
N LEU A 241 -3.40 7.58 -5.46
CA LEU A 241 -2.69 7.89 -4.22
C LEU A 241 -3.49 8.83 -3.34
N ALA A 242 -4.20 9.79 -3.94
CA ALA A 242 -5.09 10.64 -3.15
C ALA A 242 -6.21 9.83 -2.52
N ALA A 243 -6.67 8.78 -3.21
CA ALA A 243 -7.68 7.89 -2.63
C ALA A 243 -7.13 7.18 -1.39
N PHE A 244 -5.91 6.67 -1.49
CA PHE A 244 -5.30 6.00 -0.34
C PHE A 244 -5.01 6.97 0.79
N PHE A 245 -4.37 8.10 0.47
CA PHE A 245 -3.92 9.02 1.50
C PHE A 245 -5.08 9.67 2.23
N HIS A 246 -6.13 10.04 1.52
CA HIS A 246 -7.20 10.86 2.09
C HIS A 246 -8.48 10.09 2.36
N VAL A 247 -8.52 8.78 2.11
CA VAL A 247 -9.72 7.99 2.39
C VAL A 247 -9.33 6.66 3.03
N LEU A 248 -8.54 5.85 2.31
CA LEU A 248 -8.32 4.47 2.74
C LEU A 248 -7.39 4.39 3.95
N LEU A 249 -6.18 4.93 3.82
CA LEU A 249 -5.18 4.76 4.86
C LEU A 249 -5.59 5.32 6.23
N PRO A 250 -6.16 6.54 6.34
CA PRO A 250 -6.57 7.00 7.68
C PRO A 250 -7.61 6.12 8.33
N VAL A 251 -8.58 5.61 7.56
CA VAL A 251 -9.58 4.71 8.12
C VAL A 251 -8.94 3.35 8.43
N ALA A 252 -8.01 2.90 7.57
CA ALA A 252 -7.38 1.60 7.77
C ALA A 252 -6.56 1.57 9.04
N TYR A 253 -5.73 2.60 9.26
CA TYR A 253 -4.89 2.64 10.45
C TYR A 253 -5.70 2.85 11.72
N GLU A 254 -6.77 3.63 11.65
CA GLU A 254 -7.64 3.76 12.82
C GLU A 254 -8.40 2.47 13.08
N PHE A 255 -8.79 1.76 12.02
CA PHE A 255 -9.45 0.48 12.18
C PHE A 255 -8.51 -0.56 12.80
N ASP A 256 -7.22 -0.50 12.43
CA ASP A 256 -6.19 -1.42 12.90
C ASP A 256 -6.61 -2.86 12.66
N PRO A 257 -6.62 -3.32 11.42
CA PRO A 257 -7.09 -4.68 11.14
C PRO A 257 -6.08 -5.72 11.59
N GLU A 258 -6.59 -6.89 11.94
CA GLU A 258 -5.77 -8.04 12.27
C GLU A 258 -5.39 -8.86 11.05
N LEU A 259 -5.99 -8.59 9.91
CA LEU A 259 -5.66 -9.25 8.65
C LEU A 259 -6.12 -8.35 7.51
N VAL A 260 -5.27 -8.21 6.49
CA VAL A 260 -5.57 -7.42 5.31
C VAL A 260 -5.72 -8.38 4.14
N ILE A 261 -6.87 -8.32 3.47
CA ILE A 261 -7.16 -9.13 2.30
C ILE A 261 -7.39 -8.20 1.13
N VAL A 262 -6.66 -8.40 0.04
CA VAL A 262 -6.70 -7.52 -1.11
C VAL A 262 -7.41 -8.24 -2.26
N SER A 263 -8.55 -7.70 -2.67
CA SER A 263 -9.20 -8.10 -3.92
C SER A 263 -8.44 -7.40 -5.05
N ALA A 264 -7.34 -8.03 -5.47
CA ALA A 264 -6.42 -7.42 -6.43
C ALA A 264 -6.92 -7.66 -7.84
N GLY A 265 -7.70 -6.71 -8.34
CA GLY A 265 -8.07 -6.68 -9.74
C GLY A 265 -7.26 -5.59 -10.42
N PHE A 266 -6.50 -5.99 -11.44
CA PHE A 266 -5.62 -5.07 -12.14
C PHE A 266 -6.23 -4.50 -13.40
N ASP A 267 -7.56 -4.63 -13.58
CA ASP A 267 -8.25 -3.91 -14.63
C ASP A 267 -8.31 -2.41 -14.37
N SER A 268 -7.90 -1.97 -13.17
CA SER A 268 -7.77 -0.56 -12.84
C SER A 268 -6.44 0.02 -13.30
N ALA A 269 -5.65 -0.72 -14.06
CA ALA A 269 -4.35 -0.28 -14.54
C ALA A 269 -4.45 0.27 -15.96
N ILE A 270 -3.43 1.02 -16.35
CA ILE A 270 -3.41 1.63 -17.68
C ILE A 270 -3.39 0.54 -18.74
N GLY A 271 -4.15 0.76 -19.81
CA GLY A 271 -4.21 -0.15 -20.93
C GLY A 271 -5.36 -1.14 -20.89
N ASP A 272 -5.98 -1.34 -19.73
CA ASP A 272 -7.04 -2.34 -19.62
C ASP A 272 -8.27 -1.87 -20.39
N PRO A 273 -8.91 -2.76 -21.17
CA PRO A 273 -10.07 -2.32 -21.97
C PRO A 273 -11.31 -2.02 -21.15
N GLU A 274 -11.38 -2.54 -19.92
CA GLU A 274 -12.60 -2.37 -19.10
C GLU A 274 -12.46 -1.16 -18.18
N GLY A 275 -11.29 -1.00 -17.56
CA GLY A 275 -11.10 0.10 -16.62
C GLY A 275 -10.95 1.44 -17.31
N GLU A 276 -10.15 1.49 -18.37
CA GLU A 276 -9.87 2.71 -19.11
C GLU A 276 -9.27 3.79 -18.20
N MET A 277 -8.46 3.36 -17.24
CA MET A 277 -7.74 4.27 -16.36
C MET A 277 -6.31 4.42 -16.85
N CYS A 278 -5.58 5.34 -16.21
CA CYS A 278 -4.23 5.68 -16.64
C CYS A 278 -3.21 5.53 -15.51
N ALA A 279 -3.44 4.59 -14.61
CA ALA A 279 -2.52 4.32 -13.52
C ALA A 279 -1.48 3.29 -13.98
N LEU A 280 -0.21 3.64 -13.85
CA LEU A 280 0.87 2.74 -14.26
C LEU A 280 0.87 1.50 -13.36
N PRO A 281 1.42 0.38 -13.86
CA PRO A 281 1.56 -0.80 -12.99
C PRO A 281 2.41 -0.54 -11.76
N GLU A 282 3.31 0.44 -11.82
CA GLU A 282 4.16 0.74 -10.66
C GLU A 282 3.34 1.22 -9.47
N ILE A 283 2.15 1.77 -9.72
CA ILE A 283 1.33 2.28 -8.61
C ILE A 283 0.92 1.15 -7.69
N PHE A 284 0.81 -0.07 -8.21
CA PHE A 284 0.43 -1.20 -7.38
C PHE A 284 1.56 -1.61 -6.44
N ALA A 285 2.80 -1.32 -6.81
CA ALA A 285 3.91 -1.53 -5.88
C ALA A 285 3.72 -0.66 -4.64
N HIS A 286 3.15 0.53 -4.81
CA HIS A 286 2.94 1.43 -3.68
C HIS A 286 1.62 1.15 -2.99
N LEU A 287 0.61 0.69 -3.74
CA LEU A 287 -0.68 0.40 -3.12
C LEU A 287 -0.56 -0.70 -2.07
N THR A 288 0.28 -1.71 -2.32
CA THR A 288 0.50 -2.74 -1.33
C THR A 288 1.47 -2.29 -0.25
N HIS A 289 2.50 -1.52 -0.63
CA HIS A 289 3.49 -1.07 0.34
C HIS A 289 2.84 -0.20 1.42
N LEU A 290 1.94 0.70 1.03
CA LEU A 290 1.26 1.55 2.00
C LEU A 290 0.33 0.77 2.92
N LEU A 291 -0.03 -0.46 2.55
CA LEU A 291 -0.87 -1.29 3.40
C LEU A 291 -0.09 -2.29 4.25
N MET A 292 1.17 -2.53 3.94
CA MET A 292 1.98 -3.53 4.61
C MET A 292 2.27 -3.23 6.08
N PRO A 293 2.35 -1.96 6.52
CA PRO A 293 2.43 -1.70 7.97
C PRO A 293 1.19 -2.13 8.75
N LEU A 294 0.09 -2.47 8.07
CA LEU A 294 -1.11 -2.90 8.75
C LEU A 294 -1.07 -4.40 9.06
N ALA A 295 -1.65 -4.77 10.19
CA ALA A 295 -1.81 -6.17 10.60
C ALA A 295 -0.47 -6.90 10.67
N ALA A 296 0.60 -6.17 11.00
CA ALA A 296 1.96 -6.73 11.06
C ALA A 296 2.36 -7.36 9.74
N GLY A 297 1.96 -6.74 8.63
CA GLY A 297 2.30 -7.23 7.32
C GLY A 297 1.49 -8.41 6.83
N LYS A 298 0.58 -8.94 7.65
CA LYS A 298 -0.22 -10.09 7.24
C LYS A 298 -1.20 -9.70 6.15
N MET A 299 -0.79 -9.84 4.89
CA MET A 299 -1.58 -9.42 3.75
C MET A 299 -1.83 -10.61 2.83
N CYS A 300 -3.07 -10.75 2.37
CA CYS A 300 -3.47 -11.83 1.48
C CYS A 300 -3.99 -11.21 0.18
N VAL A 301 -3.10 -11.10 -0.79
CA VAL A 301 -3.46 -10.57 -2.10
C VAL A 301 -4.12 -11.68 -2.91
N VAL A 302 -5.32 -11.42 -3.42
CA VAL A 302 -6.08 -12.40 -4.19
C VAL A 302 -6.43 -11.78 -5.54
N LEU A 303 -6.15 -12.51 -6.62
CA LEU A 303 -6.38 -11.98 -7.95
C LEU A 303 -7.88 -11.89 -8.26
N GLU A 304 -8.30 -10.77 -8.83
CA GLU A 304 -9.66 -10.59 -9.28
C GLU A 304 -9.62 -10.38 -10.79
N GLY A 305 -9.74 -9.15 -11.26
CA GLY A 305 -9.76 -8.84 -12.67
C GLY A 305 -8.40 -8.45 -13.21
N GLY A 306 -8.41 -7.83 -14.38
CA GLY A 306 -7.19 -7.52 -15.11
C GLY A 306 -7.14 -8.25 -16.43
N TYR A 307 -7.35 -7.55 -17.54
CA TYR A 307 -7.61 -8.19 -18.81
C TYR A 307 -6.72 -7.73 -19.95
N ASN A 308 -5.76 -6.85 -19.70
CA ASN A 308 -4.72 -6.53 -20.67
C ASN A 308 -3.55 -7.46 -20.40
N LEU A 309 -3.31 -8.39 -21.33
CA LEU A 309 -2.31 -9.45 -21.12
C LEU A 309 -0.89 -8.92 -21.21
N THR A 310 -0.70 -7.65 -20.85
CA THR A 310 0.63 -7.05 -20.78
C THR A 310 0.76 -6.25 -19.48
N SER A 311 -0.20 -5.35 -19.25
CA SER A 311 -0.23 -4.60 -17.99
C SER A 311 -0.54 -5.51 -16.81
N LEU A 312 -1.29 -6.60 -17.05
CA LEU A 312 -1.60 -7.53 -15.97
C LEU A 312 -0.34 -8.16 -15.41
N GLY A 313 0.54 -8.67 -16.28
CA GLY A 313 1.78 -9.24 -15.81
C GLY A 313 2.68 -8.21 -15.14
N GLN A 314 2.72 -6.99 -15.68
CA GLN A 314 3.53 -5.94 -15.09
C GLN A 314 3.01 -5.54 -13.72
N SER A 315 1.68 -5.43 -13.58
CA SER A 315 1.11 -5.05 -12.29
C SER A 315 1.23 -6.19 -11.28
N VAL A 316 1.11 -7.44 -11.73
CA VAL A 316 1.32 -8.58 -10.85
C VAL A 316 2.76 -8.62 -10.35
N CYS A 317 3.71 -8.33 -11.24
CA CYS A 317 5.12 -8.31 -10.84
C CYS A 317 5.39 -7.20 -9.85
N GLN A 318 4.80 -6.01 -10.06
CA GLN A 318 4.99 -4.92 -9.13
C GLN A 318 4.43 -5.26 -7.75
N THR A 319 3.28 -5.93 -7.70
CA THR A 319 2.69 -6.31 -6.43
C THR A 319 3.55 -7.35 -5.71
N VAL A 320 4.03 -8.36 -6.44
CA VAL A 320 4.89 -9.37 -5.83
C VAL A 320 6.22 -8.76 -5.41
N HIS A 321 6.76 -7.84 -6.22
CA HIS A 321 7.98 -7.14 -5.86
C HIS A 321 7.86 -6.51 -4.47
N SER A 322 6.75 -5.84 -4.20
CA SER A 322 6.56 -5.20 -2.91
C SER A 322 6.27 -6.21 -1.81
N LEU A 323 5.59 -7.31 -2.14
CA LEU A 323 5.38 -8.36 -1.15
C LEU A 323 6.69 -8.97 -0.69
N LEU A 324 7.67 -9.07 -1.59
CA LEU A 324 8.98 -9.60 -1.26
C LEU A 324 9.90 -8.57 -0.61
N GLY A 325 9.45 -7.33 -0.46
CA GLY A 325 10.27 -6.29 0.14
C GLY A 325 11.23 -5.60 -0.80
N ASP A 326 11.08 -5.80 -2.11
CA ASP A 326 11.95 -5.14 -3.07
C ASP A 326 11.68 -3.63 -3.08
N PRO A 327 12.69 -2.83 -3.38
CA PRO A 327 12.51 -1.37 -3.33
C PRO A 327 11.44 -0.91 -4.33
N THR A 328 10.50 -0.11 -3.83
CA THR A 328 9.43 0.39 -4.66
C THR A 328 9.97 1.40 -5.68
N PRO A 329 9.48 1.37 -6.92
CA PRO A 329 9.96 2.33 -7.91
C PRO A 329 9.42 3.72 -7.65
N ARG A 330 10.21 4.72 -8.03
CA ARG A 330 9.81 6.11 -7.83
C ARG A 330 8.71 6.49 -8.81
N ILE A 331 7.66 7.12 -8.30
CA ILE A 331 6.57 7.64 -9.11
C ILE A 331 6.80 9.13 -9.32
N SER A 332 6.90 9.54 -10.58
CA SER A 332 7.11 10.94 -10.93
C SER A 332 5.83 11.54 -11.50
N GLY A 333 5.84 12.85 -11.66
CA GLY A 333 4.71 13.55 -12.23
C GLY A 333 3.45 13.52 -11.42
N LEU A 334 3.56 13.33 -10.10
CA LEU A 334 2.38 13.33 -9.24
C LEU A 334 1.94 14.76 -8.95
N GLY A 335 0.64 14.93 -8.83
CA GLY A 335 0.06 16.23 -8.53
C GLY A 335 -1.31 16.06 -7.92
N THR A 336 -2.15 17.08 -8.11
CA THR A 336 -3.50 17.04 -7.57
C THR A 336 -4.34 16.00 -8.30
N ALA A 337 -5.27 15.41 -7.56
CA ALA A 337 -6.28 14.57 -8.20
C ALA A 337 -7.21 15.43 -9.04
N CYS A 338 -7.76 14.82 -10.10
CA CYS A 338 -8.65 15.56 -10.98
C CYS A 338 -9.92 15.96 -10.22
N ASP A 339 -10.66 16.91 -10.82
CA ASP A 339 -11.83 17.46 -10.16
C ASP A 339 -12.86 16.37 -9.85
N SER A 340 -13.09 15.46 -10.80
CA SER A 340 -14.05 14.39 -10.57
C SER A 340 -13.61 13.50 -9.41
N ALA A 341 -12.31 13.21 -9.32
CA ALA A 341 -11.82 12.39 -8.22
C ALA A 341 -11.87 13.15 -6.90
N LEU A 342 -11.57 14.46 -6.92
CA LEU A 342 -11.69 15.26 -5.72
C LEU A 342 -13.14 15.36 -5.27
N GLU A 343 -14.07 15.44 -6.23
CA GLU A 343 -15.49 15.44 -5.88
C GLU A 343 -15.89 14.12 -5.22
N SER A 344 -15.43 13.00 -5.76
CA SER A 344 -15.72 11.70 -5.18
C SER A 344 -15.09 11.55 -3.79
N ILE A 345 -13.83 11.96 -3.66
CA ILE A 345 -13.15 11.86 -2.37
C ILE A 345 -13.84 12.73 -1.33
N GLN A 346 -14.21 13.95 -1.71
CA GLN A 346 -14.89 14.85 -0.77
C GLN A 346 -16.24 14.30 -0.35
N ASN A 347 -16.98 13.70 -1.28
CA ASN A 347 -18.31 13.20 -0.96
C ASN A 347 -18.24 12.00 -0.02
N VAL A 348 -17.29 11.09 -0.25
CA VAL A 348 -17.20 9.91 0.61
C VAL A 348 -16.64 10.30 1.98
N ARG A 349 -15.74 11.28 2.02
CA ARG A 349 -15.22 11.76 3.30
C ARG A 349 -16.33 12.36 4.14
N ASN A 350 -17.21 13.15 3.52
CA ASN A 350 -18.28 13.82 4.26
C ASN A 350 -19.27 12.81 4.83
N VAL A 351 -19.67 11.83 4.03
CA VAL A 351 -20.68 10.87 4.49
C VAL A 351 -20.07 9.91 5.52
N GLN A 352 -18.77 9.64 5.43
CA GLN A 352 -18.11 8.77 6.40
C GLN A 352 -17.62 9.51 7.64
N SER A 353 -17.74 10.83 7.67
CA SER A 353 -17.21 11.60 8.79
C SER A 353 -17.95 11.30 10.08
N SER A 354 -19.22 10.91 10.00
CA SER A 354 -19.99 10.55 11.19
C SER A 354 -19.51 9.25 11.83
N TYR A 355 -18.65 8.50 11.16
CA TYR A 355 -18.10 7.27 11.71
C TYR A 355 -16.59 7.31 11.89
N TRP A 356 -15.88 8.21 11.21
CA TRP A 356 -14.44 8.39 11.36
C TRP A 356 -14.20 9.88 11.49
N SER A 357 -13.96 10.33 12.73
CA SER A 357 -13.94 11.76 13.05
C SER A 357 -12.86 12.51 12.28
N SER A 358 -11.84 11.83 11.77
CA SER A 358 -10.79 12.50 11.01
C SER A 358 -11.28 13.05 9.67
N PHE A 359 -12.53 12.80 9.31
CA PHE A 359 -13.10 13.29 8.06
C PHE A 359 -14.00 14.51 8.26
N LYS A 360 -14.26 14.91 9.49
CA LYS A 360 -15.09 16.09 9.74
C LYS A 360 -14.38 17.35 9.26
N HIS A 361 -15.18 18.36 8.91
CA HIS A 361 -14.66 19.62 8.41
C HIS A 361 -15.45 20.77 9.02
N LEU A 362 -14.77 21.89 9.21
CA LEU A 362 -15.42 23.09 9.72
C LEU A 362 -16.38 23.66 8.68
N ALA A 363 -17.44 24.31 9.16
CA ALA A 363 -18.46 24.87 8.29
C ALA A 363 -17.90 25.99 7.42
N VAL A 413 22.73 -6.95 0.52
CA VAL A 413 22.60 -6.24 1.79
C VAL A 413 21.65 -5.05 1.64
N ARG A 414 20.64 -5.01 2.51
CA ARG A 414 19.62 -3.96 2.44
C ARG A 414 19.98 -2.76 3.31
N THR A 415 20.35 -2.99 4.57
CA THR A 415 20.61 -1.92 5.53
C THR A 415 22.02 -2.05 6.08
N VAL A 416 22.73 -0.92 6.15
CA VAL A 416 24.03 -0.83 6.80
C VAL A 416 23.85 -0.09 8.11
N VAL A 417 24.44 -0.62 9.18
CA VAL A 417 24.26 -0.08 10.53
C VAL A 417 25.62 0.39 11.03
N VAL A 418 25.67 1.63 11.50
CA VAL A 418 26.89 2.20 12.07
C VAL A 418 26.59 2.66 13.49
N PRO A 419 26.80 1.81 14.50
CA PRO A 419 26.56 2.21 15.88
C PRO A 419 27.77 2.94 16.45
N PRO A 420 27.68 3.46 17.67
CA PRO A 420 28.87 4.05 18.31
C PRO A 420 30.01 3.06 18.37
N PRO A 421 31.26 3.54 18.51
CA PRO A 421 32.41 2.64 18.52
C PRO A 421 32.31 1.54 19.57
N GLY A 422 32.06 0.31 19.13
CA GLY A 422 32.03 -0.81 20.03
C GLY A 422 30.69 -1.06 20.71
N VAL A 423 29.59 -0.64 20.10
CA VAL A 423 28.28 -0.86 20.70
C VAL A 423 27.92 -2.35 20.64
N GLU A 424 28.26 -3.01 19.53
CA GLU A 424 28.00 -4.43 19.33
C GLU A 424 26.52 -4.78 19.51
N LEU A 427 21.40 -8.02 15.37
CA LEU A 427 21.47 -7.52 14.00
C LEU A 427 20.76 -8.48 13.04
N PRO A 428 19.80 -7.96 12.28
CA PRO A 428 19.07 -8.82 11.32
C PRO A 428 20.00 -9.39 10.27
N LYS A 429 19.57 -10.52 9.69
CA LYS A 429 20.40 -11.25 8.74
C LYS A 429 20.64 -10.48 7.45
N ASN A 430 19.78 -9.51 7.12
CA ASN A 430 19.93 -8.69 5.93
C ASN A 430 20.59 -7.35 6.24
N CYS A 431 21.41 -7.29 7.29
CA CYS A 431 22.09 -6.08 7.68
C CYS A 431 23.58 -6.37 7.89
N GLN A 432 24.38 -5.32 7.76
CA GLN A 432 25.82 -5.41 7.96
C GLN A 432 26.32 -4.11 8.56
N HIS A 433 27.58 -4.11 8.98
CA HIS A 433 28.21 -2.92 9.54
C HIS A 433 28.90 -2.15 8.42
N SER A 434 29.70 -1.15 8.79
CA SER A 434 30.42 -0.34 7.82
C SER A 434 31.71 -1.04 7.39
N ILE A 437 36.18 2.39 6.27
CA ILE A 437 36.35 3.54 5.40
C ILE A 437 37.42 3.26 4.35
N SER A 438 37.52 4.13 3.36
CA SER A 438 38.46 4.00 2.26
C SER A 438 39.40 5.20 2.24
N GLU A 439 40.31 5.20 1.27
CA GLU A 439 41.27 6.29 1.14
C GLU A 439 40.59 7.55 0.61
N SER A 440 39.75 7.41 -0.42
CA SER A 440 39.04 8.56 -0.96
C SER A 440 38.03 9.12 0.03
N THR A 441 37.43 8.26 0.85
CA THR A 441 36.49 8.73 1.86
C THR A 441 37.20 9.56 2.93
N ALA A 442 38.38 9.12 3.38
CA ALA A 442 39.11 9.87 4.38
C ALA A 442 39.66 11.17 3.81
N LYS A 443 40.13 11.15 2.55
CA LYS A 443 40.62 12.36 1.92
C LYS A 443 39.51 13.37 1.74
N GLU A 444 38.32 12.92 1.37
CA GLU A 444 37.17 13.82 1.25
C GLU A 444 36.78 14.38 2.61
N VAL A 445 36.85 13.56 3.66
CA VAL A 445 36.53 14.05 5.00
C VAL A 445 37.53 15.11 5.45
N GLN A 446 38.80 14.92 5.12
CA GLN A 446 39.81 15.92 5.45
C GLN A 446 39.59 17.20 4.67
N ARG A 447 39.10 17.11 3.43
CA ARG A 447 38.83 18.31 2.65
C ARG A 447 37.64 19.07 3.19
N ILE A 448 36.58 18.36 3.58
CA ILE A 448 35.42 19.01 4.18
C ILE A 448 35.80 19.68 5.49
N ARG A 449 36.67 19.04 6.26
CA ARG A 449 37.09 19.61 7.54
C ARG A 449 37.92 20.87 7.33
N ASP A 450 38.92 20.81 6.46
CA ASP A 450 39.79 21.97 6.24
C ASP A 450 39.04 23.13 5.62
N LYS A 451 37.98 22.86 4.87
CA LYS A 451 37.23 23.90 4.18
C LYS A 451 36.16 24.53 5.08
N HIS A 452 35.23 23.73 5.58
CA HIS A 452 34.06 24.24 6.29
C HIS A 452 34.13 24.06 7.80
N PHE A 453 34.60 22.91 8.28
CA PHE A 453 34.61 22.64 9.71
C PHE A 453 36.03 22.68 10.26
N HIS A 454 36.70 23.81 10.13
CA HIS A 454 38.06 23.96 10.65
C HIS A 454 38.06 23.86 12.17
N ASP A 455 39.16 23.36 12.71
CA ASP A 455 39.32 23.14 14.15
C ASP A 455 38.24 22.20 14.69
N ASP A 458 38.12 16.31 17.02
CA ASP A 458 37.44 15.12 17.48
C ASP A 458 37.55 14.01 16.44
N GLN A 459 38.17 12.89 16.83
CA GLN A 459 38.37 11.79 15.90
C GLN A 459 37.10 10.97 15.71
N ASN A 460 36.27 10.84 16.76
CA ASN A 460 35.07 10.02 16.66
C ASN A 460 34.02 10.67 15.75
N ILE A 461 33.85 11.99 15.87
CA ILE A 461 32.87 12.68 15.04
C ILE A 461 33.32 12.70 13.59
N LEU A 462 34.61 12.92 13.35
CA LEU A 462 35.15 12.83 11.99
C LEU A 462 35.00 11.41 11.44
N ARG A 463 35.13 10.40 12.29
CA ARG A 463 34.90 9.03 11.84
C ARG A 463 33.43 8.81 11.49
N SER A 464 32.52 9.42 12.24
CA SER A 464 31.10 9.31 11.92
C SER A 464 30.78 9.96 10.60
N LEU A 465 31.40 11.12 10.31
CA LEU A 465 31.20 11.77 9.02
C LEU A 465 31.73 10.89 7.89
N GLY A 466 32.84 10.20 8.11
CA GLY A 466 33.34 9.27 7.12
C GLY A 466 32.40 8.09 6.90
N ASN A 467 31.73 7.65 7.95
CA ASN A 467 30.71 6.62 7.80
C ASN A 467 29.53 7.15 7.00
N ILE A 468 29.17 8.42 7.19
CA ILE A 468 28.10 9.03 6.40
C ILE A 468 28.44 8.99 4.92
N ILE A 469 29.67 9.36 4.58
CA ILE A 469 30.08 9.42 3.18
C ILE A 469 30.08 8.04 2.56
N SER A 470 30.64 7.05 3.27
CA SER A 470 30.72 5.70 2.73
C SER A 470 29.34 5.09 2.56
N VAL A 471 28.44 5.32 3.52
CA VAL A 471 27.09 4.77 3.42
C VAL A 471 26.35 5.41 2.24
N LEU A 472 26.47 6.73 2.09
CA LEU A 472 25.79 7.40 0.98
C LEU A 472 26.36 6.96 -0.37
N ASP A 473 27.68 6.80 -0.46
CA ASP A 473 28.29 6.34 -1.70
C ASP A 473 27.82 4.93 -2.05
N ARG A 474 27.62 4.09 -1.04
CA ARG A 474 27.17 2.72 -1.29
C ARG A 474 25.67 2.64 -1.56
N MET A 475 24.91 3.65 -1.13
CA MET A 475 23.46 3.64 -1.38
C MET A 475 23.13 4.20 -2.77
N MET A 476 23.71 5.34 -3.12
CA MET A 476 23.38 6.03 -4.36
C MET A 476 24.16 5.50 -5.57
N ARG A 477 25.47 5.35 -5.43
CA ARG A 477 26.32 4.97 -6.55
C ARG A 477 26.31 3.48 -6.86
N SER A 478 25.50 2.69 -6.16
CA SER A 478 25.40 1.26 -6.43
C SER A 478 24.11 0.72 -5.81
N ASP A 479 23.83 -0.54 -6.11
CA ASP A 479 22.70 -1.25 -5.52
C ASP A 479 23.13 -2.25 -4.45
N GLU A 480 24.37 -2.12 -3.94
CA GLU A 480 24.85 -3.03 -2.92
C GLU A 480 24.18 -2.78 -1.57
N VAL A 481 23.75 -1.55 -1.32
CA VAL A 481 23.09 -1.18 -0.07
C VAL A 481 21.91 -0.28 -0.39
N CYS A 482 20.77 -0.55 0.24
CA CYS A 482 19.55 0.22 0.00
C CYS A 482 19.44 1.43 0.92
N ASN A 483 19.53 1.22 2.24
CA ASN A 483 19.38 2.30 3.20
C ASN A 483 20.39 2.07 4.34
N GLY A 484 20.39 3.00 5.29
CA GLY A 484 21.33 2.89 6.41
C GLY A 484 20.93 3.79 7.56
N CYS A 485 21.56 3.53 8.70
CA CYS A 485 21.33 4.30 9.92
C CYS A 485 22.67 4.51 10.62
N VAL A 486 22.91 5.73 11.08
CA VAL A 486 24.17 6.10 11.71
C VAL A 486 23.86 6.88 12.98
N VAL A 487 24.55 6.53 14.07
CA VAL A 487 24.45 7.26 15.33
C VAL A 487 25.54 8.32 15.36
N VAL A 488 25.15 9.57 15.60
CA VAL A 488 26.07 10.71 15.57
C VAL A 488 25.95 11.48 16.87
N SER A 489 26.93 12.36 17.09
CA SER A 489 26.94 13.25 18.25
C SER A 489 26.67 14.69 17.81
N ASP A 490 27.64 15.35 17.19
CA ASP A 490 27.44 16.71 16.68
C ASP A 490 26.44 16.66 15.53
N LEU A 491 25.25 17.23 15.75
CA LEU A 491 24.20 17.17 14.74
C LEU A 491 24.54 18.05 13.54
N SER A 492 24.89 19.31 13.79
CA SER A 492 25.07 20.28 12.72
C SER A 492 26.06 19.80 11.68
N VAL A 493 27.22 19.33 12.10
CA VAL A 493 28.25 18.91 11.15
C VAL A 493 27.81 17.67 10.38
N SER A 494 27.19 16.71 11.09
CA SER A 494 26.76 15.48 10.42
C SER A 494 25.65 15.75 9.40
N VAL A 495 24.72 16.64 9.73
CA VAL A 495 23.62 16.95 8.81
C VAL A 495 24.15 17.67 7.57
N GLN A 496 25.08 18.61 7.76
CA GLN A 496 25.65 19.32 6.63
C GLN A 496 26.42 18.38 5.72
N CYS A 497 27.21 17.47 6.30
CA CYS A 497 27.96 16.52 5.48
C CYS A 497 27.02 15.58 4.73
N ALA A 498 25.99 15.06 5.40
CA ALA A 498 25.07 14.13 4.76
C ALA A 498 24.33 14.79 3.60
N LEU A 499 23.78 15.98 3.84
CA LEU A 499 22.97 16.64 2.82
C LEU A 499 23.81 17.09 1.64
N GLN A 500 24.96 17.73 1.91
CA GLN A 500 25.78 18.26 0.82
C GLN A 500 26.39 17.14 0.00
N HIS A 501 26.85 16.07 0.66
CA HIS A 501 27.41 14.94 -0.09
C HIS A 501 26.33 14.22 -0.90
N ALA A 502 25.12 14.13 -0.35
CA ALA A 502 24.03 13.52 -1.08
C ALA A 502 23.68 14.33 -2.32
N LEU A 503 23.63 15.65 -2.20
CA LEU A 503 23.39 16.50 -3.36
C LEU A 503 24.55 16.45 -4.34
N THR A 504 25.78 16.29 -3.83
CA THR A 504 26.95 16.21 -4.70
C THR A 504 26.87 14.96 -5.58
N GLU A 505 26.63 13.80 -4.97
CA GLU A 505 26.38 12.60 -5.73
C GLU A 505 25.02 12.71 -6.43
N PRO A 506 24.75 11.88 -7.45
CA PRO A 506 23.49 12.00 -8.20
C PRO A 506 22.25 11.86 -7.33
N ALA A 507 21.84 12.96 -6.71
CA ALA A 507 20.58 13.00 -5.96
C ALA A 507 20.04 14.43 -6.08
N GLU A 508 19.09 14.62 -7.00
CA GLU A 508 18.55 15.95 -7.27
C GLU A 508 17.82 16.49 -6.05
N ARG A 509 16.76 15.80 -5.62
CA ARG A 509 15.92 16.25 -4.52
C ARG A 509 16.13 15.37 -3.30
N VAL A 510 16.16 15.99 -2.13
CA VAL A 510 16.34 15.31 -0.86
C VAL A 510 15.21 15.69 0.08
N LEU A 511 14.52 14.68 0.61
CA LEU A 511 13.46 14.88 1.59
C LEU A 511 14.04 14.72 2.99
N VAL A 512 14.13 15.82 3.72
CA VAL A 512 14.66 15.79 5.09
C VAL A 512 13.50 15.63 6.05
N VAL A 513 13.61 14.64 6.94
CA VAL A 513 12.60 14.37 7.96
C VAL A 513 13.31 14.49 9.30
N TYR A 514 13.24 15.67 9.91
CA TYR A 514 13.92 15.97 11.16
C TYR A 514 12.92 16.00 12.30
N VAL A 515 13.15 15.17 13.31
CA VAL A 515 12.30 15.12 14.50
C VAL A 515 13.11 15.74 15.64
N GLY A 516 12.73 16.96 16.02
CA GLY A 516 13.42 17.66 17.08
C GLY A 516 13.14 19.14 17.01
N ASP A 517 13.74 19.85 17.96
CA ASP A 517 13.59 21.30 18.08
C ASP A 517 14.84 22.00 17.58
N GLY A 518 14.72 23.31 17.38
CA GLY A 518 15.81 24.12 16.87
C GLY A 518 15.88 24.09 15.36
N GLU A 519 16.73 24.97 14.83
CA GLU A 519 16.93 25.08 13.38
C GLU A 519 18.12 24.23 12.96
N LEU A 520 17.91 23.40 11.94
CA LEU A 520 18.99 22.59 11.40
C LEU A 520 19.59 23.24 10.17
N PRO A 521 20.90 23.13 9.98
CA PRO A 521 21.54 23.78 8.83
C PRO A 521 21.13 23.15 7.51
N VAL A 522 19.95 23.51 7.00
CA VAL A 522 19.43 22.97 5.74
C VAL A 522 18.66 24.08 5.04
N LYS A 523 19.16 24.54 3.91
CA LYS A 523 18.50 25.59 3.14
C LYS A 523 17.42 24.97 2.26
N THR A 524 16.19 25.46 2.41
CA THR A 524 15.05 24.94 1.65
C THR A 524 14.58 25.91 0.56
N ASN A 525 15.22 27.07 0.42
CA ASN A 525 14.83 28.06 -0.58
C ASN A 525 15.50 27.82 -1.92
N ASP A 526 15.60 26.57 -2.36
CA ASP A 526 16.17 26.25 -3.66
C ASP A 526 15.36 25.25 -4.46
N GLY A 527 14.41 24.53 -3.85
CA GLY A 527 13.62 23.54 -4.53
C GLY A 527 14.20 22.13 -4.51
N LYS A 528 15.49 21.99 -4.22
CA LYS A 528 16.15 20.69 -4.20
C LYS A 528 16.07 20.00 -2.84
N VAL A 529 15.48 20.64 -1.83
CA VAL A 529 15.38 20.07 -0.49
C VAL A 529 14.02 20.46 0.10
N PHE A 530 13.31 19.49 0.64
CA PHE A 530 12.08 19.73 1.39
C PHE A 530 12.28 19.22 2.81
N LEU A 531 11.96 20.05 3.79
CA LEU A 531 12.15 19.73 5.20
C LEU A 531 10.80 19.51 5.87
N VAL A 532 10.58 18.30 6.38
CA VAL A 532 9.46 17.99 7.25
C VAL A 532 10.00 17.88 8.67
N GLN A 533 9.63 18.83 9.52
CA GLN A 533 10.12 18.86 10.89
C GLN A 533 8.97 18.56 11.85
N ILE A 534 9.14 17.49 12.64
CA ILE A 534 8.21 17.15 13.71
C ILE A 534 8.82 17.69 14.99
N CYS A 535 8.34 18.85 15.42
CA CYS A 535 8.88 19.56 16.57
C CYS A 535 7.86 19.63 17.69
N THR A 536 8.25 20.25 18.80
CA THR A 536 7.37 20.49 19.94
C THR A 536 6.86 21.92 20.00
N LYS A 537 7.70 22.89 19.67
CA LYS A 537 7.32 24.30 19.65
C LYS A 537 7.03 24.73 18.21
N GLU A 538 6.12 25.69 18.08
CA GLU A 538 5.68 26.16 16.77
C GLU A 538 6.69 27.16 16.20
N THR A 539 7.09 26.96 14.96
CA THR A 539 7.95 27.89 14.23
C THR A 539 7.21 28.54 13.06
N GLU A 540 5.89 28.67 13.18
CA GLU A 540 5.02 29.21 12.12
C GLU A 540 5.19 28.33 10.88
N ASP A 541 5.03 28.92 9.69
CA ASP A 541 5.20 28.21 8.43
C ASP A 541 5.27 29.19 7.28
N LYS A 542 6.47 29.61 6.91
CA LYS A 542 6.67 30.62 5.87
C LYS A 542 7.08 30.00 4.54
N CYS A 543 8.22 29.32 4.51
CA CYS A 543 8.72 28.73 3.27
C CYS A 543 7.80 27.63 2.79
N VAL A 544 7.57 27.60 1.47
CA VAL A 544 6.69 26.59 0.89
C VAL A 544 7.37 25.22 0.87
N ASN A 545 8.68 25.17 1.09
CA ASN A 545 9.43 23.92 1.11
C ASN A 545 9.68 23.42 2.53
N ARG A 546 8.84 23.81 3.49
CA ARG A 546 9.01 23.42 4.88
C ARG A 546 7.65 23.12 5.48
N LEU A 547 7.47 21.89 5.94
CA LEU A 547 6.26 21.46 6.64
C LEU A 547 6.65 21.24 8.10
N THR A 548 6.29 22.18 8.96
CA THR A 548 6.61 22.13 10.38
C THR A 548 5.36 21.78 11.16
N LEU A 549 5.41 20.69 11.91
CA LEU A 549 4.29 20.20 12.70
C LEU A 549 4.70 20.14 14.17
N CYS A 550 3.84 20.70 15.03
CA CYS A 550 4.14 20.76 16.46
C CYS A 550 3.06 20.09 17.28
N LEU A 551 2.75 18.84 16.95
CA LEU A 551 1.72 18.08 17.66
C LEU A 551 2.09 17.85 19.12
N GLY A 554 1.89 13.73 24.80
CA GLY A 554 0.45 13.51 24.83
C GLY A 554 0.04 12.10 24.46
N GLU A 555 -1.19 11.73 24.80
CA GLU A 555 -1.69 10.40 24.49
C GLU A 555 -2.17 10.31 23.06
N SER A 556 -2.92 11.32 22.59
CA SER A 556 -3.38 11.34 21.22
C SER A 556 -2.29 11.75 20.24
N LEU A 557 -1.11 12.13 20.73
CA LEU A 557 -0.02 12.56 19.85
C LEU A 557 0.30 11.52 18.78
N THR A 558 0.31 10.24 19.16
CA THR A 558 0.54 9.16 18.20
C THR A 558 -0.48 9.22 17.07
N ALA A 559 -1.77 9.25 17.40
CA ALA A 559 -2.81 9.32 16.36
C ALA A 559 -2.70 10.60 15.54
N GLY A 560 -2.46 11.73 16.20
CA GLY A 560 -2.26 12.97 15.48
C GLY A 560 -1.08 12.91 14.53
N PHE A 561 0.04 12.35 14.99
CA PHE A 561 1.19 12.14 14.10
C PHE A 561 0.83 11.19 12.97
N MET A 562 0.07 10.14 13.26
CA MET A 562 -0.36 9.23 12.21
C MET A 562 -1.27 9.93 11.20
N GLN A 563 -2.16 10.80 11.68
CA GLN A 563 -2.99 11.57 10.76
C GLN A 563 -2.14 12.55 9.95
N ALA A 564 -1.16 13.19 10.60
CA ALA A 564 -0.28 14.11 9.88
C ALA A 564 0.62 13.37 8.89
N LEU A 565 0.97 12.12 9.20
CA LEU A 565 1.81 11.35 8.28
C LEU A 565 1.03 10.92 7.04
N LEU A 566 -0.23 10.50 7.23
CA LEU A 566 -1.01 10.00 6.11
C LEU A 566 -1.59 11.12 5.26
N GLY A 567 -2.02 12.21 5.90
CA GLY A 567 -2.72 13.27 5.19
C GLY A 567 -1.87 14.45 4.76
N LEU A 568 -0.63 14.51 5.24
CA LEU A 568 0.22 15.65 4.94
C LEU A 568 1.62 15.23 4.48
N ILE A 569 2.28 14.40 5.28
CA ILE A 569 3.67 14.05 5.00
C ILE A 569 3.78 13.20 3.73
N LEU A 570 3.06 12.10 3.68
CA LEU A 570 3.14 11.22 2.52
C LEU A 570 2.68 11.86 1.22
N PRO A 571 1.57 12.61 1.16
CA PRO A 571 1.22 13.28 -0.11
C PRO A 571 2.28 14.27 -0.58
N VAL A 572 2.83 15.07 0.33
CA VAL A 572 3.88 16.01 -0.05
C VAL A 572 5.13 15.26 -0.51
N ALA A 573 5.52 14.23 0.23
CA ALA A 573 6.73 13.48 -0.12
C ALA A 573 6.60 12.80 -1.47
N TYR A 574 5.42 12.22 -1.74
CA TYR A 574 5.23 11.49 -2.99
C TYR A 574 5.28 12.42 -4.19
N GLU A 575 4.65 13.59 -4.10
CA GLU A 575 4.74 14.56 -5.18
C GLU A 575 6.15 15.10 -5.30
N PHE A 576 6.84 15.28 -4.18
CA PHE A 576 8.21 15.77 -4.21
C PHE A 576 9.13 14.80 -4.94
N ASN A 577 8.88 13.49 -4.78
CA ASN A 577 9.64 12.43 -5.42
C ASN A 577 11.14 12.60 -5.18
N PRO A 578 11.60 12.45 -3.94
CA PRO A 578 13.02 12.69 -3.65
C PRO A 578 13.89 11.53 -4.12
N ALA A 579 15.17 11.84 -4.31
CA ALA A 579 16.17 10.82 -4.61
C ALA A 579 16.81 10.25 -3.35
N LEU A 580 16.55 10.84 -2.19
CA LEU A 580 17.07 10.34 -0.92
C LEU A 580 16.27 10.97 0.22
N VAL A 581 15.90 10.14 1.20
CA VAL A 581 15.27 10.60 2.42
C VAL A 581 16.33 10.65 3.52
N LEU A 582 16.38 11.76 4.25
CA LEU A 582 17.35 11.96 5.32
C LEU A 582 16.58 12.11 6.64
N GLY A 583 16.56 11.04 7.43
CA GLY A 583 15.90 11.06 8.72
C GLY A 583 16.85 11.53 9.80
N ILE A 584 16.36 12.44 10.64
CA ILE A 584 17.14 13.00 11.74
C ILE A 584 16.29 12.97 13.00
N VAL A 585 16.88 12.51 14.10
CA VAL A 585 16.19 12.42 15.39
C VAL A 585 17.11 13.02 16.44
N GLU A 586 16.78 14.21 16.93
CA GLU A 586 17.53 14.81 18.02
C GLU A 586 17.30 14.04 19.31
N GLU A 587 18.27 14.12 20.22
CA GLU A 587 18.20 13.38 21.47
C GLU A 587 17.12 13.96 22.39
N LEU A 594 7.52 8.38 22.81
CA LEU A 594 7.04 9.38 21.86
C LEU A 594 7.36 8.96 20.43
N MET A 595 8.65 8.72 20.16
CA MET A 595 9.09 8.37 18.82
C MET A 595 8.88 6.89 18.52
N ARG A 596 7.90 6.27 19.18
CA ARG A 596 7.53 4.89 18.90
C ARG A 596 6.55 4.77 17.74
N VAL A 597 6.42 5.83 16.94
CA VAL A 597 5.79 5.76 15.63
C VAL A 597 6.82 5.79 14.51
N TRP A 598 8.11 5.79 14.85
CA TRP A 598 9.17 5.87 13.85
C TRP A 598 9.15 4.69 12.91
N GLY A 599 8.74 3.51 13.39
CA GLY A 599 8.70 2.34 12.54
C GLY A 599 7.72 2.47 11.38
N HIS A 600 6.49 2.89 11.70
CA HIS A 600 5.51 3.14 10.63
C HIS A 600 5.96 4.29 9.74
N MET A 601 6.55 5.32 10.33
CA MET A 601 7.11 6.42 9.54
C MET A 601 8.22 5.92 8.63
N THR A 602 9.18 5.19 9.19
CA THR A 602 10.31 4.70 8.40
C THR A 602 9.85 3.71 7.34
N CYS A 603 8.86 2.88 7.66
CA CYS A 603 8.36 1.92 6.69
C CYS A 603 7.64 2.61 5.55
N LEU A 604 6.74 3.54 5.87
CA LEU A 604 5.98 4.23 4.83
C LEU A 604 6.84 5.22 4.05
N ILE A 605 7.82 5.84 4.71
CA ILE A 605 8.69 6.78 4.00
C ILE A 605 9.64 6.06 3.06
N GLN A 606 9.83 4.75 3.22
CA GLN A 606 10.65 3.98 2.29
C GLN A 606 10.01 3.85 0.92
N GLY A 607 8.75 4.25 0.77
CA GLY A 607 8.14 4.29 -0.55
C GLY A 607 8.74 5.33 -1.48
N LEU A 608 9.52 6.26 -0.95
CA LEU A 608 10.19 7.28 -1.74
C LEU A 608 11.65 6.89 -1.96
N ALA A 609 12.21 7.37 -3.07
CA ALA A 609 13.64 7.29 -3.36
C ALA A 609 14.13 5.85 -3.46
N ARG A 610 13.28 4.94 -3.95
CA ARG A 610 13.61 3.52 -4.06
C ARG A 610 14.08 2.94 -2.73
N GLY A 611 13.55 3.48 -1.63
CA GLY A 611 13.93 3.04 -0.31
C GLY A 611 15.26 3.57 0.20
N ARG A 612 15.92 4.45 -0.54
CA ARG A 612 17.22 4.99 -0.13
C ARG A 612 16.99 6.02 0.96
N MET A 613 17.14 5.61 2.22
CA MET A 613 16.95 6.48 3.37
C MET A 613 18.15 6.38 4.29
N LEU A 614 18.70 7.53 4.67
CA LEU A 614 19.79 7.61 5.64
C LEU A 614 19.24 8.24 6.91
N THR A 615 19.30 7.51 8.02
CA THR A 615 18.80 7.97 9.30
C THR A 615 19.94 8.38 10.21
N LEU A 616 19.83 9.55 10.82
CA LEU A 616 20.80 10.05 11.78
C LEU A 616 20.15 10.08 13.15
N LEU A 617 20.76 9.41 14.13
CA LEU A 617 20.25 9.35 15.49
C LEU A 617 21.26 10.00 16.42
N GLN A 618 20.88 11.13 17.01
CA GLN A 618 21.74 11.82 17.98
C GLN A 618 21.53 11.19 19.34
N GLY A 619 22.57 10.53 19.86
CA GLY A 619 22.47 9.85 21.13
C GLY A 619 22.08 8.39 20.98
N TYR A 620 22.75 7.51 21.71
CA TYR A 620 22.50 6.08 21.60
C TYR A 620 21.22 5.71 22.35
N ASP A 621 20.28 5.12 21.63
CA ASP A 621 19.07 4.55 22.21
C ASP A 621 18.92 3.16 21.62
N LYS A 622 19.23 2.14 22.44
CA LYS A 622 19.17 0.76 21.95
C LYS A 622 17.78 0.41 21.43
N ASP A 623 16.74 0.96 22.05
CA ASP A 623 15.38 0.73 21.57
C ASP A 623 15.15 1.43 20.23
N LEU A 624 15.51 2.72 20.15
CA LEU A 624 15.27 3.47 18.92
C LEU A 624 16.19 3.00 17.80
N LEU A 625 17.43 2.64 18.12
CA LEU A 625 18.35 2.13 17.11
C LEU A 625 17.87 0.80 16.55
N GLU A 626 17.46 -0.12 17.42
CA GLU A 626 16.96 -1.41 16.97
C GLU A 626 15.65 -1.24 16.18
N LEU A 627 14.79 -0.34 16.61
CA LEU A 627 13.55 -0.09 15.89
C LEU A 627 13.82 0.49 14.50
N THR A 628 14.78 1.42 14.41
CA THR A 628 15.09 2.03 13.13
C THR A 628 15.74 1.03 12.18
N VAL A 629 16.64 0.19 12.70
CA VAL A 629 17.27 -0.84 11.87
C VAL A 629 16.23 -1.86 11.42
N SER A 630 15.32 -2.24 12.32
CA SER A 630 14.28 -3.20 11.96
C SER A 630 13.36 -2.65 10.87
N ALA A 631 13.04 -1.35 10.94
CA ALA A 631 12.16 -0.75 9.94
C ALA A 631 12.87 -0.59 8.61
N LEU A 632 14.14 -0.19 8.63
CA LEU A 632 14.90 -0.05 7.39
C LEU A 632 15.16 -1.41 6.74
N SER A 633 15.39 -2.44 7.55
CA SER A 633 15.66 -3.77 7.01
C SER A 633 14.43 -4.41 6.39
N GLY A 634 13.24 -3.92 6.70
CA GLY A 634 12.02 -4.44 6.12
C GLY A 634 11.26 -5.45 6.95
N ALA A 635 11.55 -5.57 8.24
CA ALA A 635 10.81 -6.47 9.10
C ALA A 635 9.38 -5.95 9.28
N SER A 636 8.51 -6.84 9.76
CA SER A 636 7.11 -6.48 9.98
C SER A 636 6.99 -5.39 11.04
N ILE A 637 6.02 -4.51 10.85
CA ILE A 637 5.77 -3.40 11.77
C ILE A 637 4.65 -3.79 12.72
N SER A 638 4.92 -3.66 14.01
CA SER A 638 3.90 -3.98 15.01
C SER A 638 2.75 -2.99 14.90
N PRO A 639 1.50 -3.44 15.10
CA PRO A 639 0.35 -2.54 14.96
C PRO A 639 0.32 -1.46 16.03
N LEU A 640 -0.65 -0.55 15.92
CA LEU A 640 -0.77 0.57 16.84
C LEU A 640 -2.01 0.47 17.74
N GLY A 641 -2.86 -0.52 17.52
CA GLY A 641 -4.05 -0.69 18.33
C GLY A 641 -5.07 0.43 18.15
N PRO A 646 -7.05 11.97 18.75
CA PRO A 646 -6.78 13.12 17.89
C PRO A 646 -7.29 14.43 18.50
N LYS A 647 -6.37 15.24 19.02
CA LYS A 647 -6.75 16.48 19.67
C LYS A 647 -7.25 17.50 18.65
N PRO A 648 -8.19 18.35 19.04
CA PRO A 648 -8.73 19.34 18.07
C PRO A 648 -7.72 20.41 17.68
N GLU A 649 -6.84 20.82 18.59
CA GLU A 649 -5.82 21.79 18.23
C GLU A 649 -4.82 21.19 17.24
N ASP A 650 -4.57 19.88 17.32
CA ASP A 650 -3.66 19.24 16.39
C ASP A 650 -4.26 19.17 14.99
N VAL A 651 -5.55 18.80 14.89
CA VAL A 651 -6.18 18.70 13.57
C VAL A 651 -6.40 20.09 12.98
N GLU A 652 -6.54 21.12 13.82
CA GLU A 652 -6.64 22.48 13.31
C GLU A 652 -5.31 22.95 12.75
N MET A 653 -4.21 22.66 13.45
CA MET A 653 -2.89 22.97 12.93
C MET A 653 -2.60 22.20 11.64
N MET A 654 -3.09 20.96 11.56
CA MET A 654 -2.86 20.15 10.37
C MET A 654 -3.59 20.74 9.16
N GLU A 655 -4.86 21.11 9.32
CA GLU A 655 -5.61 21.68 8.21
C GLU A 655 -5.10 23.05 7.81
N LYS A 656 -4.55 23.82 8.77
CA LYS A 656 -3.92 25.08 8.41
C LYS A 656 -2.66 24.84 7.59
N GLN A 657 -1.88 23.82 7.95
CA GLN A 657 -0.72 23.45 7.14
C GLN A 657 -1.16 22.97 5.76
N ARG A 658 -2.26 22.23 5.67
CA ARG A 658 -2.78 21.79 4.38
C ARG A 658 -3.18 23.00 3.52
N GLN A 659 -3.92 23.94 4.11
CA GLN A 659 -4.34 25.11 3.37
C GLN A 659 -3.14 25.96 2.94
N ARG A 660 -2.04 25.91 3.69
CA ARG A 660 -0.86 26.68 3.33
C ARG A 660 -0.09 26.05 2.18
N LEU A 661 -0.06 24.71 2.10
CA LEU A 661 0.80 24.02 1.15
C LEU A 661 0.08 23.40 -0.04
N GLN A 662 -1.25 23.24 0.01
CA GLN A 662 -1.94 22.51 -1.04
C GLN A 662 -1.96 23.27 -2.37
N GLU A 663 -1.70 24.58 -2.35
CA GLU A 663 -1.60 25.31 -3.62
C GLU A 663 -0.40 24.86 -4.42
N ARG A 664 0.71 24.59 -3.74
CA ARG A 664 1.92 24.09 -4.40
C ARG A 664 1.93 22.57 -4.51
N TRP A 665 1.45 21.87 -3.48
CA TRP A 665 1.46 20.42 -3.43
C TRP A 665 0.01 19.93 -3.53
N GLY A 666 -0.46 19.78 -4.77
CA GLY A 666 -1.87 19.46 -5.01
C GLY A 666 -2.30 18.11 -4.48
N LEU A 667 -1.35 17.20 -4.23
CA LEU A 667 -1.69 15.89 -3.68
C LEU A 667 -2.27 15.98 -2.27
N LEU A 668 -2.17 17.14 -1.62
CA LEU A 668 -2.79 17.36 -0.32
C LEU A 668 -4.29 17.60 -0.42
N ARG A 669 -4.79 17.93 -1.60
CA ARG A 669 -6.19 18.32 -1.75
C ARG A 669 -7.10 17.10 -1.61
N CYS A 670 -8.05 17.17 -0.67
CA CYS A 670 -9.10 16.18 -0.54
C CYS A 670 -10.49 16.81 -0.74
N THR A 671 -10.54 18.04 -1.23
CA THR A 671 -11.79 18.70 -1.60
C THR A 671 -11.57 19.41 -2.93
N VAL A 672 -12.65 19.54 -3.71
CA VAL A 672 -12.57 20.24 -4.98
C VAL A 672 -12.30 21.72 -4.71
N SER A 673 -11.36 22.30 -5.46
CA SER A 673 -10.92 23.66 -5.20
C SER A 673 -11.98 24.66 -5.66
N GLU A 674 -12.27 25.63 -4.80
CA GLU A 674 -13.21 26.70 -5.15
C GLU A 674 -12.47 27.79 -5.92
N SER A 675 -12.94 28.08 -7.12
CA SER A 675 -12.29 29.06 -7.97
C SER A 675 -12.57 30.47 -7.48
N TRP A 676 -11.62 31.37 -7.73
CA TRP A 676 -11.76 32.78 -7.39
C TRP A 676 -13.00 33.37 -8.06
C1 EDO B . 1.79 0.02 -19.44
O1 EDO B . 2.05 1.08 -20.33
C2 EDO B . 1.31 -1.18 -20.20
O2 EDO B . 0.26 -0.81 -21.07
C1 EDO C . -10.61 -26.24 -22.60
O1 EDO C . -10.14 -25.17 -21.81
C2 EDO C . -11.15 -27.32 -21.72
O2 EDO C . -10.24 -27.59 -20.67
C1 EDO D . -25.50 -33.08 -7.11
O1 EDO D . -25.37 -34.33 -6.46
C2 EDO D . -24.62 -33.04 -8.33
O2 EDO D . -25.11 -33.95 -9.31
C02 A1AVR E . -17.97 -6.64 -18.85
C03 A1AVR E . -17.88 -7.11 -17.45
C04 A1AVR E . -19.04 -7.49 -16.77
C05 A1AVR E . -18.97 -7.95 -15.44
C06 A1AVR E . -17.71 -8.02 -14.78
C07 A1AVR E . -16.59 -7.65 -15.44
C08 A1AVR E . -15.22 -7.75 -14.69
C09 A1AVR E . -15.21 -8.22 -13.29
C12 A1AVR E . -16.67 -7.19 -16.81
N01 A1AVR E . -17.96 -5.22 -18.89
O11 A1AVR E . -14.22 -7.44 -15.23
S10 A1AVR E . -13.48 -8.25 -12.61
P PO4 F . -18.23 14.57 -12.38
O1 PO4 F . -18.85 13.80 -13.59
O2 PO4 F . -17.12 15.54 -12.91
O3 PO4 F . -19.34 15.39 -11.65
O4 PO4 F . -17.60 13.54 -11.38
P PO4 G . -22.28 10.46 -7.94
O1 PO4 G . -23.05 9.90 -9.18
O2 PO4 G . -21.12 9.47 -7.60
O3 PO4 G . -23.27 10.60 -6.74
O4 PO4 G . -21.69 11.86 -8.27
K K H . -13.26 -2.34 -6.42
K K I . -18.48 -4.09 6.52
ZN ZN J . -12.97 -6.05 -12.48
#